data_6I1S
#
_entry.id   6I1S
#
_cell.length_a   44.309
_cell.length_b   108.599
_cell.length_c   114.389
_cell.angle_alpha   90.000
_cell.angle_beta   90.000
_cell.angle_gamma   90.000
#
_symmetry.space_group_name_H-M   'P 21 21 21'
#
loop_
_entity.id
_entity.type
_entity.pdbx_description
1 polymer 'Activin receptor type-1'
2 polymer 'Peptidyl-prolyl cis-trans isomerase FKBP1A'
3 non-polymer (4~{S},5~{R},6~{Z},9~{S},10~{S},12~{E})-16-(ethylamino)-4,5-dimethyl-9,10,18-tris(oxidanyl)-3-oxabicyclo[12.4.0]octadeca-1(14),6,12,15,17-pentaene-2,8-dione
4 non-polymer 1,2-ETHANEDIOL
5 non-polymer 'SULFATE ION'
6 water water
#
loop_
_entity_poly.entity_id
_entity_poly.type
_entity_poly.pdbx_seq_one_letter_code
_entity_poly.pdbx_strand_id
1 'polypeptide(L)'
;SMTTNVGDSTLADLLDHSCTSGSGSGLPFLVQRTVARQITLLECVGKGRYGEVWRGSWQGENVAVKIFSSRDEKSWFRET
ELYNTVMLRHENILGFIASDMTSRHSSTQLWLITHYHEMGSLYDYLQLTTLDTVSCLRIVLSIASGLAHLHIEIFGTQGK
PAIAHRDLKSKNILVKKNGQCCIADLGLAVMHSQSTNQLDVGNNPRVGTKRYMAPEVLDETIQVDCFDSYKRVDIWAFGL
VLWEVARRMVSNGIVEDYKPPFYDVVPNDPSFEDMRKVVCVDQQRPNIPNRWFSDPTLTSLAKLMKECWYQNPSARLTAL
RIKKTLTKID
;
A
2 'polypeptide(L)'
;SMGVQVETISPGDGRTFPKRGQTCVVHYTGMLEDGKKFDSSRDRNKPFKFMLGKQEVIRGWEEGVAQMSVGQRAKLTISP
DYAYGATGHPGIIPPHATLVFDVELLKLE
;
B
#
loop_
_chem_comp.id
_chem_comp.type
_chem_comp.name
_chem_comp.formula
E26 non-polymer (4~{S},5~{R},6~{Z},9~{S},10~{S},12~{E})-16-(ethylamino)-4,5-dimethyl-9,10,18-tris(oxidanyl)-3-oxabicyclo[12.4.0]octadeca-1(14),6,12,15,17-pentaene-2,8-dione 'C21 H27 N O6'
EDO non-polymer 1,2-ETHANEDIOL 'C2 H6 O2'
SO4 non-polymer 'SULFATE ION' 'O4 S -2'
#
# COMPACT_ATOMS: atom_id res chain seq x y z
N SER A 1 -15.89 2.54 -24.74
CA SER A 1 -15.22 3.69 -25.33
C SER A 1 -14.87 3.45 -26.79
N MET A 2 -14.54 4.53 -27.51
CA MET A 2 -14.08 4.39 -28.88
C MET A 2 -12.74 3.68 -28.95
N THR A 3 -11.93 3.78 -27.89
CA THR A 3 -10.62 3.13 -27.82
C THR A 3 -10.67 1.74 -27.22
N THR A 4 -11.86 1.24 -26.89
CA THR A 4 -12.00 -0.10 -26.32
C THR A 4 -11.88 -1.17 -27.40
N ASN A 5 -11.23 -2.27 -27.07
CA ASN A 5 -11.13 -3.42 -27.95
C ASN A 5 -11.61 -4.67 -27.23
N VAL A 6 -12.10 -5.64 -28.01
CA VAL A 6 -12.37 -6.96 -27.45
C VAL A 6 -11.11 -7.49 -26.81
N GLY A 7 -11.24 -8.01 -25.59
CA GLY A 7 -10.11 -8.46 -24.80
C GLY A 7 -9.67 -7.50 -23.72
N ASP A 8 -10.11 -6.24 -23.77
CA ASP A 8 -9.71 -5.27 -22.76
C ASP A 8 -10.20 -5.73 -21.39
N SER A 9 -9.37 -5.50 -20.37
CA SER A 9 -9.69 -5.85 -18.99
C SER A 9 -9.83 -4.59 -18.16
N THR A 10 -10.74 -4.63 -17.18
CA THR A 10 -10.77 -3.61 -16.15
C THR A 10 -9.72 -3.92 -15.08
N LEU A 11 -9.48 -2.95 -14.20
CA LEU A 11 -8.55 -3.20 -13.11
C LEU A 11 -9.01 -4.37 -12.24
N ALA A 12 -10.32 -4.48 -11.97
CA ALA A 12 -10.79 -5.62 -11.20
C ALA A 12 -10.43 -6.94 -11.86
N ASP A 13 -10.54 -7.01 -13.19
CA ASP A 13 -10.19 -8.25 -13.88
C ASP A 13 -8.69 -8.52 -13.77
N LEU A 14 -7.88 -7.47 -13.93
CA LEU A 14 -6.42 -7.64 -13.85
C LEU A 14 -5.99 -8.05 -12.46
N LEU A 15 -6.71 -7.61 -11.42
CA LEU A 15 -6.40 -7.98 -10.04
C LEU A 15 -6.87 -9.38 -9.69
N ASP A 16 -7.79 -9.94 -10.47
CA ASP A 16 -8.38 -11.24 -10.15
C ASP A 16 -7.32 -12.33 -10.12
N HIS A 17 -7.05 -12.85 -8.92
CA HIS A 17 -5.90 -13.70 -8.64
C HIS A 17 -4.66 -13.27 -9.41
N SER A 23 0.44 -14.03 -7.39
CA SER A 23 1.56 -13.68 -6.52
C SER A 23 1.58 -12.16 -6.29
N GLY A 24 1.59 -11.77 -5.03
CA GLY A 24 1.54 -10.36 -4.67
C GLY A 24 0.12 -9.81 -4.68
N SER A 25 0.00 -8.61 -4.12
CA SER A 25 -1.30 -8.01 -3.86
C SER A 25 -1.90 -7.33 -5.08
N GLY A 26 -1.05 -6.89 -6.01
CA GLY A 26 -1.54 -6.03 -7.08
C GLY A 26 -1.62 -6.71 -8.42
N LEU A 27 -1.44 -5.91 -9.48
CA LEU A 27 -1.44 -6.44 -10.83
C LEU A 27 -0.27 -7.38 -11.04
N PRO A 28 -0.36 -8.26 -12.04
CA PRO A 28 0.81 -9.06 -12.43
C PRO A 28 2.00 -8.15 -12.66
N PHE A 29 3.18 -8.63 -12.27
N PHE A 29 3.18 -8.70 -12.38
CA PHE A 29 4.33 -7.72 -12.22
CA PHE A 29 4.36 -7.85 -12.18
C PHE A 29 4.49 -6.96 -13.53
C PHE A 29 4.77 -7.09 -13.44
N LEU A 30 4.59 -7.66 -14.64
CA LEU A 30 4.92 -6.94 -15.87
C LEU A 30 3.78 -5.99 -16.28
N VAL A 31 2.54 -6.29 -15.87
CA VAL A 31 1.44 -5.40 -16.16
C VAL A 31 1.53 -4.11 -15.35
N GLN A 32 2.27 -4.12 -14.24
CA GLN A 32 2.35 -2.95 -13.38
C GLN A 32 2.96 -1.75 -14.11
N ARG A 33 4.08 -1.96 -14.81
CA ARG A 33 4.69 -0.83 -15.50
C ARG A 33 3.79 -0.30 -16.60
N THR A 34 3.17 -1.19 -17.37
CA THR A 34 2.38 -0.74 -18.49
C THR A 34 1.16 0.05 -18.03
N VAL A 35 0.47 -0.42 -16.99
CA VAL A 35 -0.66 0.35 -16.46
C VAL A 35 -0.20 1.69 -15.89
N ALA A 36 0.88 1.67 -15.10
CA ALA A 36 1.38 2.92 -14.54
C ALA A 36 1.66 3.95 -15.62
N ARG A 37 2.26 3.52 -16.72
CA ARG A 37 2.63 4.47 -17.76
C ARG A 37 1.47 4.81 -18.69
N GLN A 38 0.27 4.27 -18.42
CA GLN A 38 -0.94 4.63 -19.12
C GLN A 38 -1.88 5.51 -18.30
N ILE A 39 -1.51 5.85 -17.07
CA ILE A 39 -2.34 6.68 -16.21
C ILE A 39 -2.22 8.15 -16.61
N THR A 40 -3.35 8.85 -16.62
CA THR A 40 -3.39 10.30 -16.76
C THR A 40 -3.58 10.91 -15.37
N LEU A 41 -2.63 11.71 -14.92
CA LEU A 41 -2.79 12.40 -13.65
C LEU A 41 -3.79 13.56 -13.79
N LEU A 42 -4.60 13.76 -12.73
CA LEU A 42 -5.69 14.72 -12.82
C LEU A 42 -5.71 15.77 -11.70
N GLU A 43 -5.70 15.36 -10.44
CA GLU A 43 -5.92 16.31 -9.34
C GLU A 43 -5.06 15.92 -8.15
N CYS A 44 -4.41 16.90 -7.54
CA CYS A 44 -3.61 16.63 -6.35
C CYS A 44 -4.55 16.48 -5.15
N VAL A 45 -4.50 15.32 -4.48
CA VAL A 45 -5.36 15.05 -3.33
C VAL A 45 -4.59 14.91 -2.04
N GLY A 46 -3.26 15.00 -2.08
CA GLY A 46 -2.47 14.96 -0.86
C GLY A 46 -1.09 15.52 -1.12
N LYS A 47 -0.53 16.16 -0.10
CA LYS A 47 0.86 16.61 -0.18
C LYS A 47 1.43 16.61 1.22
N GLY A 48 2.67 16.14 1.34
CA GLY A 48 3.35 16.14 2.61
C GLY A 48 4.83 15.90 2.40
N ARG A 49 5.53 15.61 3.51
CA ARG A 49 6.96 15.34 3.41
C ARG A 49 7.23 14.11 2.57
N TYR A 50 6.28 13.18 2.49
CA TYR A 50 6.43 11.96 1.69
C TYR A 50 6.41 12.23 0.20
N GLY A 51 5.91 13.39 -0.23
CA GLY A 51 5.68 13.62 -1.65
C GLY A 51 4.26 14.07 -1.89
N GLU A 52 3.61 13.54 -2.93
CA GLU A 52 2.27 13.97 -3.34
C GLU A 52 1.41 12.77 -3.66
N VAL A 53 0.09 12.92 -3.51
CA VAL A 53 -0.86 11.93 -4.03
C VAL A 53 -1.75 12.62 -5.04
N TRP A 54 -1.95 11.96 -6.19
CA TRP A 54 -2.78 12.47 -7.28
C TRP A 54 -3.89 11.49 -7.61
N ARG A 55 -5.11 12.01 -7.78
CA ARG A 55 -6.11 11.26 -8.51
C ARG A 55 -5.69 11.18 -9.97
N GLY A 56 -5.74 9.98 -10.53
CA GLY A 56 -5.51 9.77 -11.94
C GLY A 56 -6.60 8.89 -12.52
N SER A 57 -6.52 8.69 -13.84
N SER A 57 -6.50 8.69 -13.83
CA SER A 57 -7.46 7.82 -14.50
CA SER A 57 -7.45 7.84 -14.55
C SER A 57 -6.73 6.84 -15.41
C SER A 57 -6.69 6.83 -15.38
N TRP A 58 -7.24 5.62 -15.48
CA TRP A 58 -6.71 4.58 -16.35
C TRP A 58 -7.92 3.93 -16.99
N GLN A 59 -8.04 4.01 -18.31
N GLN A 59 -8.03 4.03 -18.32
CA GLN A 59 -9.17 3.40 -19.03
CA GLN A 59 -9.15 3.45 -19.07
C GLN A 59 -10.50 3.72 -18.36
C GLN A 59 -10.48 3.73 -18.37
N GLY A 60 -10.70 4.99 -18.03
CA GLY A 60 -11.95 5.43 -17.43
C GLY A 60 -12.15 5.09 -15.98
N GLU A 61 -11.15 4.55 -15.29
CA GLU A 61 -11.26 4.20 -13.89
C GLU A 61 -10.39 5.14 -13.06
N ASN A 62 -10.88 5.53 -11.90
CA ASN A 62 -10.08 6.32 -10.98
C ASN A 62 -9.04 5.46 -10.29
N VAL A 63 -7.85 6.04 -10.10
CA VAL A 63 -6.79 5.47 -9.27
C VAL A 63 -6.16 6.60 -8.47
N ALA A 64 -5.45 6.22 -7.40
CA ALA A 64 -4.64 7.16 -6.65
C ALA A 64 -3.17 6.86 -6.92
N VAL A 65 -2.38 7.91 -7.12
CA VAL A 65 -0.98 7.77 -7.45
C VAL A 65 -0.17 8.53 -6.42
N LYS A 66 0.61 7.82 -5.62
CA LYS A 66 1.55 8.47 -4.69
C LYS A 66 2.89 8.60 -5.39
N ILE A 67 3.37 9.83 -5.49
CA ILE A 67 4.65 10.14 -6.11
C ILE A 67 5.57 10.55 -4.98
N PHE A 68 6.62 9.75 -4.76
CA PHE A 68 7.40 9.91 -3.54
C PHE A 68 8.44 11.01 -3.70
N SER A 69 8.65 11.76 -2.63
N SER A 69 8.65 11.75 -2.62
CA SER A 69 9.76 12.70 -2.59
CA SER A 69 9.76 12.69 -2.56
C SER A 69 11.08 11.95 -2.54
C SER A 69 11.10 11.94 -2.53
N SER A 70 12.15 12.63 -2.96
CA SER A 70 13.47 12.01 -2.92
C SER A 70 13.87 11.66 -1.49
N ARG A 71 13.33 12.39 -0.51
N ARG A 71 13.33 12.39 -0.51
CA ARG A 71 13.67 12.11 0.88
CA ARG A 71 13.66 12.13 0.88
C ARG A 71 13.01 10.85 1.41
C ARG A 71 12.97 10.90 1.44
N ASP A 72 12.00 10.32 0.72
CA ASP A 72 11.21 9.20 1.23
C ASP A 72 11.26 8.00 0.30
N GLU A 73 12.35 7.86 -0.46
CA GLU A 73 12.45 6.75 -1.40
C GLU A 73 12.42 5.39 -0.71
N LYS A 74 12.93 5.30 0.53
CA LYS A 74 12.92 4.01 1.20
C LYS A 74 11.52 3.57 1.63
N SER A 75 10.59 4.51 1.81
CA SER A 75 9.20 4.13 2.03
C SER A 75 8.59 3.51 0.78
N TRP A 76 8.88 4.10 -0.39
CA TRP A 76 8.42 3.47 -1.63
C TRP A 76 8.97 2.07 -1.75
N PHE A 77 10.26 1.88 -1.43
CA PHE A 77 10.84 0.55 -1.54
C PHE A 77 10.14 -0.42 -0.60
N ARG A 78 9.97 -0.02 0.66
CA ARG A 78 9.40 -0.92 1.66
C ARG A 78 7.96 -1.27 1.32
N GLU A 79 7.15 -0.26 0.97
CA GLU A 79 5.75 -0.51 0.70
C GLU A 79 5.57 -1.38 -0.54
N THR A 80 6.34 -1.09 -1.59
CA THR A 80 6.30 -1.92 -2.79
C THR A 80 6.69 -3.36 -2.47
N GLU A 81 7.77 -3.54 -1.70
CA GLU A 81 8.23 -4.86 -1.34
C GLU A 81 7.16 -5.64 -0.56
N LEU A 82 6.51 -4.97 0.41
CA LEU A 82 5.49 -5.63 1.21
C LEU A 82 4.31 -6.08 0.36
N TYR A 83 3.74 -5.15 -0.41
CA TYR A 83 2.58 -5.51 -1.21
C TYR A 83 2.91 -6.53 -2.30
N ASN A 84 4.16 -6.55 -2.79
CA ASN A 84 4.51 -7.53 -3.81
C ASN A 84 4.84 -8.90 -3.24
N THR A 85 5.23 -8.98 -1.97
CA THR A 85 5.62 -10.26 -1.40
C THR A 85 4.55 -10.87 -0.52
N VAL A 86 3.59 -10.08 -0.04
CA VAL A 86 2.51 -10.57 0.80
C VAL A 86 1.19 -10.35 0.07
N MET A 87 0.34 -11.37 0.09
CA MET A 87 -1.01 -11.23 -0.44
C MET A 87 -1.82 -10.49 0.60
N LEU A 88 -1.93 -9.17 0.43
CA LEU A 88 -2.56 -8.31 1.41
C LEU A 88 -3.77 -7.70 0.73
N ARG A 89 -4.89 -8.42 0.80
CA ARG A 89 -6.16 -7.96 0.29
C ARG A 89 -7.18 -8.09 1.42
N HIS A 90 -7.76 -6.97 1.81
CA HIS A 90 -8.70 -6.94 2.92
C HIS A 90 -9.57 -5.69 2.74
N GLU A 91 -10.84 -5.80 3.13
CA GLU A 91 -11.75 -4.68 2.94
C GLU A 91 -11.26 -3.42 3.64
N ASN A 92 -10.50 -3.56 4.72
CA ASN A 92 -10.09 -2.42 5.52
C ASN A 92 -8.58 -2.15 5.45
N ILE A 93 -7.93 -2.63 4.39
N ILE A 93 -7.92 -2.64 4.39
CA ILE A 93 -6.55 -2.27 4.06
CA ILE A 93 -6.56 -2.27 4.05
C ILE A 93 -6.53 -1.73 2.64
C ILE A 93 -6.58 -1.70 2.64
N LEU A 94 -5.90 -0.58 2.46
CA LEU A 94 -5.88 0.06 1.13
C LEU A 94 -5.40 -0.91 0.06
N GLY A 95 -6.17 -1.03 -1.02
CA GLY A 95 -5.83 -1.92 -2.11
C GLY A 95 -4.69 -1.41 -2.99
N PHE A 96 -3.61 -2.16 -3.04
CA PHE A 96 -2.47 -1.86 -3.91
C PHE A 96 -2.76 -2.33 -5.33
N ILE A 97 -2.40 -1.49 -6.30
CA ILE A 97 -2.53 -1.82 -7.72
C ILE A 97 -1.17 -2.07 -8.36
N ALA A 98 -0.23 -1.12 -8.21
CA ALA A 98 1.01 -1.22 -8.96
C ALA A 98 2.05 -0.30 -8.36
N SER A 99 3.32 -0.60 -8.67
CA SER A 99 4.42 0.28 -8.36
C SER A 99 5.29 0.40 -9.60
N ASP A 100 5.86 1.59 -9.82
CA ASP A 100 6.70 1.76 -11.00
C ASP A 100 7.73 2.84 -10.73
N MET A 101 8.88 2.75 -11.38
CA MET A 101 9.85 3.83 -11.32
C MET A 101 10.25 4.22 -12.74
N THR A 102 10.64 5.48 -12.88
CA THR A 102 11.22 5.98 -14.11
C THR A 102 12.52 6.70 -13.78
N SER A 103 13.48 6.62 -14.70
CA SER A 103 14.79 7.23 -14.48
C SER A 103 14.81 8.65 -15.02
N SER A 107 15.80 13.47 -12.63
CA SER A 107 16.02 12.41 -11.65
C SER A 107 14.98 11.30 -11.82
N THR A 108 14.84 10.48 -10.77
CA THR A 108 13.92 9.36 -10.80
C THR A 108 12.57 9.75 -10.20
N GLN A 109 11.49 9.20 -10.76
CA GLN A 109 10.16 9.31 -10.15
C GLN A 109 9.72 7.93 -9.67
N LEU A 110 9.25 7.86 -8.42
CA LEU A 110 8.79 6.62 -7.83
C LEU A 110 7.31 6.72 -7.57
N TRP A 111 6.53 5.81 -8.16
CA TRP A 111 5.08 5.83 -8.06
C TRP A 111 4.56 4.58 -7.34
N LEU A 112 3.58 4.79 -6.49
CA LEU A 112 2.79 3.72 -5.92
C LEU A 112 1.34 4.01 -6.26
N ILE A 113 0.66 3.05 -6.90
CA ILE A 113 -0.69 3.23 -7.40
C ILE A 113 -1.63 2.35 -6.60
N THR A 114 -2.72 2.95 -6.11
CA THR A 114 -3.68 2.26 -5.25
C THR A 114 -5.11 2.57 -5.68
N HIS A 115 -6.04 1.86 -5.06
CA HIS A 115 -7.45 2.19 -5.19
C HIS A 115 -7.66 3.66 -4.83
N TYR A 116 -8.62 4.29 -5.51
CA TYR A 116 -9.00 5.67 -5.24
C TYR A 116 -10.27 5.69 -4.38
N HIS A 117 -10.22 6.39 -3.26
CA HIS A 117 -11.33 6.51 -2.32
C HIS A 117 -11.80 7.96 -2.31
N GLU A 118 -12.88 8.22 -3.07
CA GLU A 118 -13.31 9.61 -3.31
C GLU A 118 -13.72 10.32 -2.02
N MET A 119 -14.02 9.59 -0.94
CA MET A 119 -14.38 10.27 0.29
C MET A 119 -13.20 10.83 1.05
N GLY A 120 -11.96 10.47 0.68
CA GLY A 120 -10.78 11.11 1.21
C GLY A 120 -10.31 10.54 2.54
N SER A 121 -9.38 11.26 3.17
CA SER A 121 -8.81 10.79 4.41
C SER A 121 -9.77 10.99 5.60
N LEU A 122 -9.61 10.14 6.61
CA LEU A 122 -10.41 10.27 7.82
C LEU A 122 -10.13 11.59 8.51
N TYR A 123 -8.86 12.02 8.53
CA TYR A 123 -8.50 13.32 9.08
C TYR A 123 -9.36 14.43 8.49
N ASP A 124 -9.47 14.47 7.16
CA ASP A 124 -10.29 15.51 6.52
C ASP A 124 -11.76 15.25 6.75
N TYR A 125 -12.17 13.98 6.75
CA TYR A 125 -13.58 13.64 6.85
C TYR A 125 -14.17 14.14 8.17
N LEU A 126 -13.43 13.97 9.27
CA LEU A 126 -13.88 14.38 10.59
C LEU A 126 -14.03 15.89 10.69
N GLN A 127 -13.40 16.64 9.81
CA GLN A 127 -13.55 18.09 9.78
C GLN A 127 -14.70 18.54 8.90
N LEU A 128 -15.25 17.65 8.08
CA LEU A 128 -16.31 17.99 7.14
C LEU A 128 -17.68 17.53 7.59
N THR A 129 -17.77 16.71 8.65
CA THR A 129 -19.05 16.15 9.06
C THR A 129 -18.99 15.77 10.53
N THR A 130 -20.17 15.67 11.13
CA THR A 130 -20.33 15.00 12.41
C THR A 130 -20.83 13.58 12.17
N LEU A 131 -20.81 12.80 13.24
CA LEU A 131 -21.15 11.39 13.18
C LEU A 131 -22.30 11.08 14.12
N ASP A 132 -22.95 9.94 13.89
CA ASP A 132 -23.92 9.40 14.82
C ASP A 132 -23.42 8.04 15.29
N THR A 133 -24.22 7.35 16.11
CA THR A 133 -23.74 6.07 16.64
C THR A 133 -23.45 5.07 15.54
N VAL A 134 -24.26 5.07 14.46
CA VAL A 134 -24.01 4.09 13.40
C VAL A 134 -22.72 4.42 12.65
N SER A 135 -22.54 5.69 12.25
CA SER A 135 -21.36 6.01 11.45
C SER A 135 -20.08 5.99 12.28
N CYS A 136 -20.16 6.42 13.55
CA CYS A 136 -19.00 6.34 14.43
C CYS A 136 -18.56 4.90 14.64
N LEU A 137 -19.49 4.02 15.04
CA LEU A 137 -19.10 2.63 15.30
C LEU A 137 -18.58 1.95 14.04
N ARG A 138 -19.19 2.25 12.89
CA ARG A 138 -18.73 1.65 11.64
C ARG A 138 -17.28 2.02 11.35
N ILE A 139 -16.94 3.30 11.56
CA ILE A 139 -15.57 3.76 11.30
C ILE A 139 -14.60 3.03 12.21
N VAL A 140 -14.86 3.06 13.53
CA VAL A 140 -13.83 2.54 14.42
C VAL A 140 -13.75 1.03 14.36
N LEU A 141 -14.89 0.34 14.13
CA LEU A 141 -14.83 -1.11 13.98
C LEU A 141 -14.03 -1.49 12.73
N SER A 142 -14.20 -0.74 11.65
CA SER A 142 -13.50 -1.10 10.42
C SER A 142 -11.99 -0.89 10.58
N ILE A 143 -11.58 0.15 11.32
CA ILE A 143 -10.15 0.35 11.56
C ILE A 143 -9.61 -0.80 12.39
N ALA A 144 -10.34 -1.19 13.44
CA ALA A 144 -9.93 -2.33 14.26
C ALA A 144 -9.84 -3.60 13.43
N SER A 145 -10.78 -3.81 12.52
N SER A 145 -10.78 -3.80 12.51
CA SER A 145 -10.73 -5.01 11.67
CA SER A 145 -10.74 -5.00 11.66
C SER A 145 -9.50 -5.00 10.79
C SER A 145 -9.52 -5.00 10.76
N GLY A 146 -9.20 -3.86 10.15
CA GLY A 146 -7.99 -3.77 9.35
C GLY A 146 -6.73 -3.99 10.17
N LEU A 147 -6.66 -3.39 11.36
CA LEU A 147 -5.47 -3.54 12.19
C LEU A 147 -5.30 -4.96 12.69
N ALA A 148 -6.40 -5.61 13.13
CA ALA A 148 -6.29 -7.00 13.53
C ALA A 148 -5.82 -7.87 12.36
N HIS A 149 -6.31 -7.60 11.16
CA HIS A 149 -5.85 -8.38 10.01
C HIS A 149 -4.37 -8.19 9.78
N LEU A 150 -3.87 -6.96 9.91
CA LEU A 150 -2.42 -6.76 9.78
C LEU A 150 -1.67 -7.56 10.84
N HIS A 151 -2.09 -7.44 12.10
CA HIS A 151 -1.30 -7.97 13.21
C HIS A 151 -1.26 -9.49 13.26
N ILE A 152 -2.26 -10.19 12.73
N ILE A 152 -2.24 -10.18 12.68
CA ILE A 152 -2.35 -11.65 12.94
CA ILE A 152 -2.38 -11.62 12.86
C ILE A 152 -1.72 -12.37 11.77
C ILE A 152 -1.68 -12.35 11.73
N GLU A 153 -0.81 -13.29 12.08
CA GLU A 153 -0.18 -14.13 11.06
C GLU A 153 -1.17 -15.19 10.60
N ILE A 154 -1.18 -15.43 9.29
CA ILE A 154 -1.99 -16.49 8.69
C ILE A 154 -1.03 -17.49 8.08
N PHE A 155 -1.14 -18.75 8.49
CA PHE A 155 -0.24 -19.79 8.01
C PHE A 155 -0.79 -20.45 6.75
N GLY A 156 0.08 -21.20 6.07
CA GLY A 156 -0.27 -21.83 4.81
C GLY A 156 0.18 -21.00 3.62
N THR A 157 -0.21 -21.49 2.44
CA THR A 157 0.22 -20.86 1.19
C THR A 157 -0.57 -19.60 0.88
N GLN A 158 -1.83 -19.52 1.33
CA GLN A 158 -2.64 -18.32 1.19
C GLN A 158 -2.55 -17.40 2.39
N GLY A 159 -1.44 -17.47 3.15
CA GLY A 159 -1.31 -16.76 4.40
C GLY A 159 -0.57 -15.44 4.26
N LYS A 160 -0.05 -14.97 5.39
CA LYS A 160 0.63 -13.69 5.48
C LYS A 160 1.42 -13.67 6.77
N PRO A 161 2.59 -13.03 6.80
CA PRO A 161 3.26 -12.79 8.08
C PRO A 161 2.42 -11.84 8.92
N ALA A 162 2.76 -11.77 10.21
CA ALA A 162 2.24 -10.69 11.04
C ALA A 162 2.90 -9.37 10.62
N ILE A 163 2.12 -8.29 10.69
CA ILE A 163 2.55 -6.97 10.22
C ILE A 163 2.16 -5.95 11.27
N ALA A 164 3.11 -5.10 11.65
CA ALA A 164 2.83 -3.90 12.44
C ALA A 164 3.04 -2.68 11.56
N HIS A 165 2.16 -1.69 11.71
CA HIS A 165 2.07 -0.57 10.79
C HIS A 165 3.13 0.49 11.07
N ARG A 166 3.18 0.97 12.32
CA ARG A 166 4.15 1.91 12.87
C ARG A 166 3.89 3.38 12.52
N ASP A 167 2.88 3.70 11.71
CA ASP A 167 2.53 5.12 11.52
C ASP A 167 1.02 5.28 11.39
N LEU A 168 0.28 4.63 12.28
CA LEU A 168 -1.17 4.75 12.27
C LEU A 168 -1.59 6.14 12.76
N LYS A 169 -2.48 6.78 12.02
CA LYS A 169 -2.99 8.12 12.34
C LYS A 169 -4.17 8.38 11.42
N SER A 170 -4.94 9.41 11.74
CA SER A 170 -6.15 9.65 10.95
C SER A 170 -5.84 10.07 9.51
N LYS A 171 -4.66 10.66 9.25
CA LYS A 171 -4.33 10.97 7.86
C LYS A 171 -3.98 9.72 7.05
N ASN A 172 -3.58 8.63 7.71
CA ASN A 172 -3.24 7.38 7.03
C ASN A 172 -4.42 6.41 7.01
N ILE A 173 -5.62 6.91 7.20
CA ILE A 173 -6.83 6.11 7.13
C ILE A 173 -7.74 6.78 6.11
N LEU A 174 -8.26 6.01 5.15
CA LEU A 174 -9.13 6.55 4.12
C LEU A 174 -10.56 6.07 4.36
N VAL A 175 -11.52 6.92 3.98
CA VAL A 175 -12.94 6.60 4.14
C VAL A 175 -13.47 6.05 2.83
N LYS A 176 -14.13 4.89 2.88
CA LYS A 176 -14.73 4.31 1.69
C LYS A 176 -16.16 4.80 1.52
N LYS A 177 -16.70 4.57 0.32
CA LYS A 177 -18.04 5.06 0.04
C LYS A 177 -19.07 4.48 0.99
N ASN A 178 -18.87 3.24 1.45
CA ASN A 178 -19.84 2.62 2.35
C ASN A 178 -19.65 3.05 3.81
N GLY A 179 -18.74 3.97 4.09
CA GLY A 179 -18.58 4.47 5.44
C GLY A 179 -17.63 3.68 6.30
N GLN A 180 -17.17 2.52 5.84
CA GLN A 180 -16.04 1.89 6.49
C GLN A 180 -14.76 2.59 6.07
N CYS A 181 -13.68 2.29 6.76
CA CYS A 181 -12.39 2.88 6.46
C CYS A 181 -11.42 1.80 6.00
N CYS A 182 -10.29 2.24 5.46
CA CYS A 182 -9.19 1.33 5.23
C CYS A 182 -7.90 1.99 5.68
N ILE A 183 -7.00 1.16 6.18
CA ILE A 183 -5.69 1.61 6.64
C ILE A 183 -4.73 1.66 5.45
N ALA A 184 -3.98 2.75 5.35
CA ALA A 184 -3.06 3.00 4.25
C ALA A 184 -1.66 3.27 4.78
N ASP A 185 -0.70 3.23 3.85
CA ASP A 185 0.70 3.63 4.02
C ASP A 185 1.47 2.60 4.83
N LEU A 186 2.00 1.59 4.14
CA LEU A 186 2.74 0.52 4.77
C LEU A 186 4.24 0.73 4.62
N GLY A 187 4.69 1.95 4.36
CA GLY A 187 6.09 2.22 4.13
C GLY A 187 6.99 2.06 5.34
N LEU A 188 6.41 2.07 6.54
CA LEU A 188 7.16 1.85 7.78
C LEU A 188 6.89 0.48 8.38
N ALA A 189 6.11 -0.36 7.71
CA ALA A 189 5.68 -1.61 8.31
C ALA A 189 6.85 -2.54 8.63
N VAL A 190 6.65 -3.36 9.66
CA VAL A 190 7.58 -4.42 10.02
C VAL A 190 6.82 -5.73 10.01
N MET A 191 7.53 -6.81 9.69
N MET A 191 7.52 -6.82 9.69
CA MET A 191 6.92 -8.12 9.49
CA MET A 191 6.90 -8.11 9.48
C MET A 191 7.55 -9.13 10.42
C MET A 191 7.56 -9.16 10.36
N HIS A 192 6.77 -10.15 10.77
CA HIS A 192 7.28 -11.21 11.63
C HIS A 192 6.61 -12.53 11.27
N SER A 193 7.38 -13.62 11.34
CA SER A 193 6.84 -14.96 11.18
C SER A 193 7.23 -15.82 12.37
N GLN A 194 6.25 -16.48 12.97
CA GLN A 194 6.52 -17.40 14.06
C GLN A 194 7.28 -18.63 13.58
N SER A 195 7.09 -19.02 12.32
CA SER A 195 7.75 -20.21 11.79
C SER A 195 9.25 -20.13 11.94
N THR A 196 9.83 -18.94 11.74
CA THR A 196 11.26 -18.71 11.82
C THR A 196 11.67 -17.79 12.96
N ASN A 197 10.70 -17.12 13.60
CA ASN A 197 10.94 -16.00 14.50
C ASN A 197 11.75 -14.88 13.84
N GLN A 198 11.72 -14.79 12.52
CA GLN A 198 12.43 -13.73 11.82
C GLN A 198 11.63 -12.44 11.88
N LEU A 199 12.28 -11.38 12.34
CA LEU A 199 11.73 -10.04 12.34
C LEU A 199 12.35 -9.24 11.21
N ASP A 200 11.52 -8.68 10.33
CA ASP A 200 11.96 -7.92 9.17
C ASP A 200 11.58 -6.46 9.41
N VAL A 201 12.53 -5.68 9.93
CA VAL A 201 12.29 -4.26 10.20
C VAL A 201 12.68 -3.37 9.04
N GLY A 202 13.39 -3.89 8.05
CA GLY A 202 13.73 -3.11 6.90
C GLY A 202 14.84 -2.11 7.18
N ASN A 203 14.94 -1.14 6.26
CA ASN A 203 16.08 -0.24 6.19
C ASN A 203 15.65 1.22 6.20
N ASN A 204 14.40 1.51 6.51
CA ASN A 204 13.85 2.85 6.34
C ASN A 204 14.19 3.74 7.53
N PRO A 205 14.92 4.84 7.33
CA PRO A 205 15.22 5.76 8.45
C PRO A 205 14.04 6.61 8.91
N ARG A 206 12.93 6.60 8.17
CA ARG A 206 11.72 7.29 8.60
C ARG A 206 11.30 6.82 9.99
N VAL A 207 10.74 7.75 10.78
CA VAL A 207 10.12 7.40 12.05
C VAL A 207 8.65 7.78 12.00
N GLY A 208 7.88 7.25 12.95
CA GLY A 208 6.46 7.55 13.00
C GLY A 208 6.17 9.01 13.21
N THR A 209 4.91 9.37 12.95
CA THR A 209 4.45 10.73 13.21
C THR A 209 4.56 11.04 14.70
N LYS A 210 5.27 12.12 15.04
CA LYS A 210 5.64 12.35 16.44
C LYS A 210 4.42 12.47 17.34
N ARG A 211 3.38 13.17 16.88
CA ARG A 211 2.19 13.39 17.70
C ARG A 211 1.56 12.08 18.16
N TYR A 212 1.73 11.01 17.39
CA TYR A 212 1.08 9.73 17.68
C TYR A 212 2.02 8.72 18.31
N MET A 213 3.25 9.11 18.63
CA MET A 213 4.23 8.14 19.14
C MET A 213 3.89 7.72 20.56
N ALA A 214 3.96 6.41 20.81
CA ALA A 214 3.73 5.87 22.14
C ALA A 214 4.84 6.28 23.11
N PRO A 215 4.55 6.24 24.40
CA PRO A 215 5.59 6.64 25.38
C PRO A 215 6.90 5.90 25.20
N GLU A 216 6.85 4.60 24.95
CA GLU A 216 8.08 3.81 24.86
C GLU A 216 8.89 4.15 23.61
N VAL A 217 8.26 4.75 22.61
CA VAL A 217 9.02 5.27 21.47
C VAL A 217 9.68 6.59 21.85
N LEU A 218 8.95 7.46 22.52
CA LEU A 218 9.47 8.77 22.89
C LEU A 218 10.57 8.70 23.92
N ASP A 219 10.55 7.71 24.82
CA ASP A 219 11.61 7.58 25.81
C ASP A 219 12.61 6.50 25.44
N GLU A 220 12.49 5.94 24.24
CA GLU A 220 13.46 5.01 23.66
C GLU A 220 13.65 3.76 24.51
N THR A 221 12.64 3.36 25.27
CA THR A 221 12.71 2.09 25.98
C THR A 221 12.16 0.93 25.16
N ILE A 222 11.51 1.21 24.03
CA ILE A 222 10.95 0.13 23.23
C ILE A 222 12.04 -0.87 22.85
N GLN A 223 11.71 -2.16 22.97
CA GLN A 223 12.61 -3.25 22.59
C GLN A 223 12.53 -3.42 21.08
N VAL A 224 13.56 -2.95 20.37
CA VAL A 224 13.46 -2.83 18.91
C VAL A 224 13.54 -4.16 18.20
N ASP A 225 13.97 -5.22 18.88
CA ASP A 225 14.02 -6.54 18.26
C ASP A 225 12.82 -7.41 18.64
N CYS A 226 11.76 -6.82 19.16
CA CYS A 226 10.59 -7.58 19.62
C CYS A 226 9.37 -7.17 18.81
N PHE A 227 8.85 -8.09 17.98
CA PHE A 227 7.71 -7.74 17.14
C PHE A 227 6.52 -7.28 17.97
N ASP A 228 6.27 -7.96 19.09
CA ASP A 228 5.14 -7.61 19.94
C ASP A 228 5.17 -6.13 20.30
N SER A 229 6.36 -5.57 20.54
CA SER A 229 6.47 -4.18 20.94
C SER A 229 5.90 -3.26 19.87
N TYR A 230 6.10 -3.61 18.59
CA TYR A 230 5.57 -2.76 17.52
C TYR A 230 4.05 -2.84 17.45
N LYS A 231 3.48 -4.02 17.70
CA LYS A 231 2.02 -4.09 17.76
C LYS A 231 1.47 -3.16 18.84
N ARG A 232 2.13 -3.11 20.00
CA ARG A 232 1.60 -2.29 21.09
C ARG A 232 1.74 -0.79 20.79
N VAL A 233 2.72 -0.41 19.96
CA VAL A 233 2.82 0.97 19.49
C VAL A 233 1.63 1.33 18.60
N ASP A 234 1.21 0.39 17.74
CA ASP A 234 0.01 0.59 16.93
C ASP A 234 -1.23 0.77 17.80
N ILE A 235 -1.35 -0.02 18.87
CA ILE A 235 -2.53 0.05 19.73
C ILE A 235 -2.65 1.43 20.37
N TRP A 236 -1.53 1.97 20.86
CA TRP A 236 -1.52 3.34 21.38
C TRP A 236 -2.07 4.32 20.36
N ALA A 237 -1.56 4.25 19.14
CA ALA A 237 -1.99 5.17 18.10
C ALA A 237 -3.45 4.97 17.77
N PHE A 238 -3.90 3.71 17.74
CA PHE A 238 -5.32 3.45 17.50
C PHE A 238 -6.18 4.13 18.56
N GLY A 239 -5.77 4.07 19.83
CA GLY A 239 -6.53 4.75 20.88
C GLY A 239 -6.67 6.24 20.62
N LEU A 240 -5.59 6.87 20.14
CA LEU A 240 -5.68 8.29 19.78
C LEU A 240 -6.66 8.52 18.65
N VAL A 241 -6.66 7.64 17.64
CA VAL A 241 -7.63 7.78 16.54
C VAL A 241 -9.04 7.59 17.06
N LEU A 242 -9.26 6.60 17.93
N LEU A 242 -9.25 6.63 17.97
CA LEU A 242 -10.57 6.44 18.57
CA LEU A 242 -10.57 6.43 18.55
C LEU A 242 -11.04 7.76 19.17
C LEU A 242 -11.07 7.70 19.25
N TRP A 243 -10.18 8.39 19.95
CA TRP A 243 -10.51 9.66 20.59
C TRP A 243 -10.87 10.73 19.56
N GLU A 244 -10.09 10.84 18.49
CA GLU A 244 -10.38 11.83 17.44
C GLU A 244 -11.77 11.62 16.86
N VAL A 245 -12.13 10.38 16.63
CA VAL A 245 -13.40 10.05 15.99
C VAL A 245 -14.56 10.28 16.95
N ALA A 246 -14.41 9.79 18.19
CA ALA A 246 -15.51 9.85 19.16
C ALA A 246 -15.92 11.29 19.42
N ARG A 247 -14.96 12.22 19.45
CA ARG A 247 -15.27 13.63 19.64
C ARG A 247 -16.30 14.14 18.65
N ARG A 248 -16.36 13.55 17.47
CA ARG A 248 -17.22 14.06 16.42
C ARG A 248 -18.58 13.36 16.37
N MET A 249 -18.84 12.44 17.30
CA MET A 249 -20.15 11.80 17.39
C MET A 249 -21.06 12.66 18.24
N VAL A 250 -22.25 12.99 17.71
CA VAL A 250 -23.19 13.82 18.44
C VAL A 250 -23.87 13.00 19.52
N SER A 251 -24.03 13.58 20.71
CA SER A 251 -24.90 12.98 21.72
C SER A 251 -25.59 14.10 22.48
N ASN A 252 -26.90 13.98 22.65
CA ASN A 252 -27.69 14.98 23.37
C ASN A 252 -27.46 16.38 22.81
N GLY A 253 -27.39 16.47 21.48
CA GLY A 253 -27.20 17.73 20.80
C GLY A 253 -25.84 18.38 20.98
N ILE A 254 -24.85 17.63 21.47
CA ILE A 254 -23.52 18.17 21.75
C ILE A 254 -22.50 17.42 20.92
N VAL A 255 -21.46 18.14 20.48
CA VAL A 255 -20.35 17.55 19.75
C VAL A 255 -19.12 18.43 19.98
N GLU A 256 -17.94 17.83 19.98
CA GLU A 256 -16.72 18.60 20.07
C GLU A 256 -16.23 18.95 18.66
N ASP A 257 -15.50 20.07 18.57
CA ASP A 257 -14.83 20.40 17.32
C ASP A 257 -13.77 19.34 17.03
N TYR A 258 -13.46 19.15 15.75
CA TYR A 258 -12.31 18.31 15.44
C TYR A 258 -11.05 18.93 16.04
N LYS A 259 -10.26 18.11 16.74
CA LYS A 259 -8.92 18.46 17.19
C LYS A 259 -8.02 17.24 17.05
N PRO A 260 -6.74 17.45 16.74
CA PRO A 260 -5.78 16.35 16.77
C PRO A 260 -5.41 16.02 18.20
N PRO A 261 -4.90 14.81 18.44
CA PRO A 261 -4.46 14.45 19.80
C PRO A 261 -3.42 15.43 20.32
N PHE A 262 -3.59 15.83 21.59
CA PHE A 262 -2.68 16.71 22.31
C PHE A 262 -2.68 18.14 21.75
N TYR A 263 -3.78 18.53 21.09
CA TYR A 263 -3.90 19.85 20.48
C TYR A 263 -3.68 20.97 21.48
N ASP A 264 -3.96 20.72 22.76
CA ASP A 264 -3.94 21.76 23.78
C ASP A 264 -2.60 21.91 24.47
N VAL A 265 -1.61 21.05 24.17
CA VAL A 265 -0.36 21.06 24.93
C VAL A 265 0.89 20.98 24.06
N VAL A 266 0.73 20.73 22.75
CA VAL A 266 1.87 20.77 21.84
C VAL A 266 1.54 21.65 20.64
N PRO A 267 2.53 22.22 19.98
CA PRO A 267 2.28 23.04 18.80
C PRO A 267 2.05 22.18 17.58
N ASN A 268 1.74 22.83 16.46
CA ASN A 268 1.74 22.11 15.19
C ASN A 268 3.17 21.67 14.87
N ASP A 269 3.29 20.54 14.20
CA ASP A 269 4.58 19.94 13.90
C ASP A 269 5.41 19.79 15.18
N PRO A 270 4.88 19.10 16.19
CA PRO A 270 5.60 19.02 17.47
C PRO A 270 6.93 18.29 17.32
N SER A 271 7.88 18.68 18.16
CA SER A 271 9.18 18.04 18.20
C SER A 271 9.13 16.77 19.05
N PHE A 272 10.16 15.94 18.93
CA PHE A 272 10.34 14.82 19.85
C PHE A 272 10.23 15.28 21.30
N GLU A 273 10.92 16.37 21.63
CA GLU A 273 10.95 16.81 23.03
C GLU A 273 9.59 17.33 23.46
N ASP A 274 8.86 18.02 22.58
CA ASP A 274 7.52 18.46 22.92
C ASP A 274 6.67 17.27 23.35
N MET A 275 6.72 16.20 22.55
CA MET A 275 5.90 15.02 22.83
C MET A 275 6.40 14.27 24.05
N ARG A 276 7.72 14.12 24.19
CA ARG A 276 8.25 13.37 25.33
C ARG A 276 7.86 14.05 26.64
N LYS A 277 7.91 15.39 26.66
CA LYS A 277 7.53 16.09 27.88
C LYS A 277 6.07 15.85 28.24
N VAL A 278 5.19 15.90 27.24
CA VAL A 278 3.76 15.74 27.49
C VAL A 278 3.44 14.29 27.86
N VAL A 279 3.93 13.34 27.07
CA VAL A 279 3.50 11.95 27.19
C VAL A 279 4.29 11.18 28.23
N CYS A 280 5.61 11.41 28.32
CA CYS A 280 6.48 10.66 29.20
C CYS A 280 6.74 11.36 30.53
N VAL A 281 7.19 12.61 30.50
CA VAL A 281 7.53 13.31 31.73
C VAL A 281 6.27 13.63 32.52
N ASP A 282 5.26 14.18 31.85
CA ASP A 282 4.03 14.60 32.51
C ASP A 282 2.94 13.53 32.50
N GLN A 283 3.10 12.47 31.70
CA GLN A 283 2.15 11.35 31.68
C GLN A 283 0.74 11.82 31.31
N GLN A 284 0.64 12.82 30.44
CA GLN A 284 -0.66 13.31 30.03
C GLN A 284 -1.30 12.38 29.00
N ARG A 285 -2.63 12.40 28.96
CA ARG A 285 -3.44 11.66 28.01
C ARG A 285 -4.56 12.57 27.55
N PRO A 286 -5.11 12.33 26.37
CA PRO A 286 -6.25 13.14 25.91
C PRO A 286 -7.38 13.16 26.93
N ASN A 287 -8.01 14.32 27.10
CA ASN A 287 -9.09 14.46 28.05
C ASN A 287 -10.39 13.87 27.51
N ILE A 288 -11.17 13.25 28.40
CA ILE A 288 -12.48 12.72 28.04
C ILE A 288 -13.53 13.78 28.36
N PRO A 289 -14.26 14.28 27.36
CA PRO A 289 -15.32 15.26 27.64
C PRO A 289 -16.41 14.68 28.53
N ASN A 290 -16.86 15.49 29.49
CA ASN A 290 -17.84 15.02 30.46
C ASN A 290 -19.12 14.53 29.79
N ARG A 291 -19.53 15.15 28.69
CA ARG A 291 -20.78 14.75 28.04
C ARG A 291 -20.75 13.30 27.55
N TRP A 292 -19.56 12.71 27.37
CA TRP A 292 -19.50 11.33 26.91
C TRP A 292 -20.11 10.37 27.92
N PHE A 293 -20.05 10.70 29.21
CA PHE A 293 -20.51 9.78 30.23
C PHE A 293 -22.02 9.76 30.37
N SER A 294 -22.74 10.61 29.63
CA SER A 294 -24.19 10.52 29.52
C SER A 294 -24.64 9.73 28.31
N ASP A 295 -23.70 9.14 27.56
CA ASP A 295 -24.01 8.39 26.34
C ASP A 295 -23.38 7.00 26.45
N PRO A 296 -24.15 5.92 26.30
CA PRO A 296 -23.56 4.59 26.50
C PRO A 296 -22.51 4.23 25.47
N THR A 297 -22.68 4.66 24.21
CA THR A 297 -21.67 4.36 23.19
C THR A 297 -20.36 5.07 23.52
N LEU A 298 -20.41 6.38 23.78
CA LEU A 298 -19.18 7.11 24.08
C LEU A 298 -18.59 6.66 25.41
N THR A 299 -19.41 6.25 26.37
CA THR A 299 -18.87 5.68 27.60
C THR A 299 -18.07 4.42 27.30
N SER A 300 -18.58 3.56 26.42
CA SER A 300 -17.86 2.35 26.05
C SER A 300 -16.57 2.67 25.30
N LEU A 301 -16.62 3.67 24.41
CA LEU A 301 -15.40 4.01 23.67
C LEU A 301 -14.35 4.64 24.57
N ALA A 302 -14.78 5.44 25.56
CA ALA A 302 -13.83 6.02 26.50
C ALA A 302 -13.10 4.92 27.28
N LYS A 303 -13.83 3.89 27.70
CA LYS A 303 -13.18 2.78 28.39
C LYS A 303 -12.17 2.10 27.48
N LEU A 304 -12.51 1.95 26.21
CA LEU A 304 -11.63 1.31 25.25
C LEU A 304 -10.37 2.15 25.01
N MET A 305 -10.54 3.47 24.80
CA MET A 305 -9.38 4.34 24.65
C MET A 305 -8.40 4.16 25.80
N LYS A 306 -8.91 4.19 27.02
CA LYS A 306 -8.05 4.14 28.19
C LYS A 306 -7.21 2.87 28.18
N GLU A 307 -7.79 1.77 27.69
CA GLU A 307 -7.08 0.49 27.65
C GLU A 307 -6.04 0.43 26.54
N CYS A 308 -6.02 1.41 25.64
CA CYS A 308 -4.93 1.56 24.67
C CYS A 308 -3.80 2.45 25.15
N TRP A 309 -3.98 3.16 26.26
CA TRP A 309 -3.08 4.23 26.65
C TRP A 309 -2.27 3.93 27.90
N TYR A 310 -2.32 2.70 28.38
CA TYR A 310 -1.51 2.36 29.55
C TYR A 310 -0.04 2.65 29.26
N GLN A 311 0.63 3.25 30.25
CA GLN A 311 2.07 3.47 30.13
C GLN A 311 2.81 2.15 29.94
N ASN A 312 2.39 1.09 30.63
CA ASN A 312 2.96 -0.22 30.45
C ASN A 312 2.36 -0.88 29.21
N PRO A 313 3.14 -1.04 28.14
CA PRO A 313 2.56 -1.58 26.90
C PRO A 313 1.95 -2.96 27.08
N SER A 314 2.47 -3.78 28.00
CA SER A 314 1.90 -5.10 28.22
C SER A 314 0.47 -5.05 28.72
N ALA A 315 0.06 -3.94 29.32
CA ALA A 315 -1.30 -3.83 29.84
C ALA A 315 -2.31 -3.55 28.75
N ARG A 316 -1.86 -3.11 27.58
CA ARG A 316 -2.76 -2.73 26.50
C ARG A 316 -3.40 -3.96 25.87
N LEU A 317 -4.59 -3.77 25.32
CA LEU A 317 -5.29 -4.91 24.73
C LEU A 317 -4.85 -5.10 23.28
N THR A 318 -5.21 -6.26 22.73
CA THR A 318 -4.86 -6.56 21.34
C THR A 318 -5.85 -5.91 20.37
N ALA A 319 -5.42 -5.81 19.11
CA ALA A 319 -6.32 -5.35 18.07
C ALA A 319 -7.55 -6.26 17.97
N LEU A 320 -7.36 -7.57 18.08
CA LEU A 320 -8.48 -8.50 18.00
C LEU A 320 -9.46 -8.26 19.14
N ARG A 321 -8.97 -8.00 20.35
CA ARG A 321 -9.88 -7.75 21.46
C ARG A 321 -10.62 -6.44 21.26
N ILE A 322 -9.96 -5.42 20.73
CA ILE A 322 -10.66 -4.20 20.37
C ILE A 322 -11.78 -4.49 19.37
N LYS A 323 -11.47 -5.24 18.32
CA LYS A 323 -12.47 -5.57 17.32
C LYS A 323 -13.66 -6.29 17.95
N LYS A 324 -13.38 -7.27 18.81
CA LYS A 324 -14.47 -8.01 19.46
C LYS A 324 -15.29 -7.09 20.36
N THR A 325 -14.62 -6.19 21.08
CA THR A 325 -15.36 -5.27 21.96
C THR A 325 -16.26 -4.34 21.15
N LEU A 326 -15.76 -3.81 20.03
CA LEU A 326 -16.57 -2.92 19.21
C LEU A 326 -17.71 -3.66 18.53
N THR A 327 -17.52 -4.94 18.21
CA THR A 327 -18.59 -5.72 17.61
C THR A 327 -19.76 -5.89 18.57
N LYS A 328 -19.52 -5.80 19.88
CA LYS A 328 -20.55 -6.00 20.88
C LYS A 328 -21.28 -4.71 21.29
N ILE A 329 -20.85 -3.55 20.79
CA ILE A 329 -21.48 -2.28 21.12
C ILE A 329 -22.61 -2.00 20.15
N ASP A 330 -23.61 -1.26 20.60
CA ASP A 330 -24.71 -0.82 19.76
C ASP A 330 -24.87 0.70 19.84
N SER B 1 21.47 -8.99 -29.65
CA SER B 1 21.86 -7.59 -29.85
C SER B 1 22.16 -6.92 -28.52
N MET B 2 22.48 -5.62 -28.57
CA MET B 2 22.78 -4.88 -27.36
C MET B 2 21.68 -5.07 -26.32
N GLY B 3 22.05 -5.51 -25.13
CA GLY B 3 21.14 -5.59 -24.01
C GLY B 3 20.17 -6.76 -24.02
N VAL B 4 19.99 -7.43 -25.15
CA VAL B 4 19.02 -8.53 -25.20
C VAL B 4 19.44 -9.56 -26.23
N GLN B 5 19.59 -10.81 -25.80
CA GLN B 5 19.90 -11.92 -26.69
C GLN B 5 18.60 -12.60 -27.09
N VAL B 6 18.44 -12.86 -28.39
CA VAL B 6 17.21 -13.45 -28.91
C VAL B 6 17.55 -14.84 -29.46
N GLU B 7 16.99 -15.88 -28.82
N GLU B 7 16.97 -15.87 -28.84
CA GLU B 7 17.16 -17.26 -29.27
CA GLU B 7 17.16 -17.25 -29.27
C GLU B 7 15.81 -17.75 -29.77
C GLU B 7 15.81 -17.76 -29.76
N THR B 8 15.72 -18.05 -31.06
CA THR B 8 14.44 -18.45 -31.62
C THR B 8 14.06 -19.86 -31.19
N ILE B 9 12.83 -19.99 -30.72
CA ILE B 9 12.23 -21.29 -30.43
C ILE B 9 11.42 -21.79 -31.62
N SER B 10 10.64 -20.90 -32.25
CA SER B 10 9.98 -21.29 -33.49
C SER B 10 9.81 -20.06 -34.35
N PRO B 11 9.91 -20.20 -35.66
CA PRO B 11 10.00 -19.01 -36.52
C PRO B 11 8.67 -18.29 -36.68
N GLY B 12 8.77 -16.99 -36.94
CA GLY B 12 7.66 -16.19 -37.41
C GLY B 12 7.54 -16.26 -38.92
N ASP B 13 6.77 -15.33 -39.48
CA ASP B 13 6.59 -15.35 -40.93
C ASP B 13 7.78 -14.77 -41.67
N GLY B 14 8.76 -14.22 -40.97
CA GLY B 14 9.97 -13.69 -41.55
C GLY B 14 9.78 -12.42 -42.33
N ARG B 15 8.57 -11.84 -42.31
CA ARG B 15 8.28 -10.69 -43.16
C ARG B 15 7.65 -9.54 -42.38
N THR B 16 6.88 -9.86 -41.33
CA THR B 16 6.05 -8.88 -40.64
C THR B 16 6.68 -8.59 -39.28
N PHE B 17 7.42 -7.47 -39.19
CA PHE B 17 8.11 -7.06 -37.98
C PHE B 17 7.44 -5.84 -37.36
N PRO B 18 7.38 -5.76 -36.03
CA PRO B 18 6.71 -4.62 -35.39
C PRO B 18 7.33 -3.29 -35.78
N LYS B 19 6.47 -2.32 -36.08
CA LYS B 19 6.88 -0.96 -36.37
C LYS B 19 6.47 -0.04 -35.25
N ARG B 20 7.19 1.07 -35.11
CA ARG B 20 6.87 2.05 -34.08
C ARG B 20 5.39 2.41 -34.14
N GLY B 21 4.76 2.47 -32.97
CA GLY B 21 3.35 2.81 -32.88
C GLY B 21 2.38 1.66 -33.08
N GLN B 22 2.85 0.49 -33.50
CA GLN B 22 1.96 -0.66 -33.57
C GLN B 22 1.84 -1.29 -32.19
N THR B 23 0.72 -1.94 -31.94
CA THR B 23 0.52 -2.65 -30.69
C THR B 23 0.92 -4.11 -30.89
N CYS B 24 1.86 -4.58 -30.07
CA CYS B 24 2.31 -5.97 -30.07
C CYS B 24 1.43 -6.76 -29.12
N VAL B 25 0.91 -7.88 -29.59
CA VAL B 25 0.11 -8.78 -28.77
C VAL B 25 0.94 -10.02 -28.55
N VAL B 26 1.27 -10.34 -27.30
CA VAL B 26 2.23 -11.40 -27.00
C VAL B 26 1.73 -12.29 -25.87
N HIS B 27 2.29 -13.50 -25.82
CA HIS B 27 2.29 -14.30 -24.61
C HIS B 27 3.69 -14.33 -24.06
N TYR B 28 3.82 -14.25 -22.74
CA TYR B 28 5.14 -14.26 -22.15
C TYR B 28 5.17 -15.09 -20.87
N THR B 29 6.38 -15.54 -20.55
CA THR B 29 6.71 -16.07 -19.23
C THR B 29 8.04 -15.45 -18.85
N GLY B 30 8.09 -14.80 -17.70
CA GLY B 30 9.28 -14.14 -17.21
C GLY B 30 9.91 -14.93 -16.07
N MET B 31 11.23 -15.09 -16.13
CA MET B 31 11.97 -15.85 -15.13
C MET B 31 13.24 -15.11 -14.74
N LEU B 32 13.67 -15.31 -13.49
CA LEU B 32 15.00 -14.90 -13.12
C LEU B 32 16.02 -15.85 -13.73
N GLU B 33 17.30 -15.49 -13.58
CA GLU B 33 18.37 -16.28 -14.17
C GLU B 33 18.45 -17.67 -13.57
N ASP B 34 17.87 -17.88 -12.38
CA ASP B 34 17.86 -19.18 -11.73
C ASP B 34 16.59 -19.98 -12.05
N GLY B 35 15.85 -19.59 -13.09
CA GLY B 35 14.65 -20.29 -13.49
C GLY B 35 13.40 -19.94 -12.71
N LYS B 36 13.48 -19.14 -11.66
CA LYS B 36 12.31 -18.78 -10.88
C LYS B 36 11.36 -17.93 -11.72
N LYS B 37 10.17 -18.46 -11.99
CA LYS B 37 9.14 -17.72 -12.71
C LYS B 37 8.54 -16.64 -11.82
N PHE B 38 8.45 -15.41 -12.32
CA PHE B 38 7.81 -14.35 -11.56
C PHE B 38 6.54 -13.79 -12.19
N ASP B 39 6.23 -14.16 -13.45
CA ASP B 39 5.04 -13.64 -14.11
C ASP B 39 4.87 -14.41 -15.42
N SER B 40 3.62 -14.71 -15.78
CA SER B 40 3.35 -15.38 -17.04
C SER B 40 1.94 -15.05 -17.51
N SER B 41 1.82 -14.46 -18.70
CA SER B 41 0.51 -14.30 -19.31
C SER B 41 -0.09 -15.63 -19.72
N ARG B 42 0.75 -16.66 -19.90
N ARG B 42 0.73 -16.65 -19.93
CA ARG B 42 0.22 -17.96 -20.28
CA ARG B 42 0.18 -17.96 -20.28
C ARG B 42 -0.56 -18.58 -19.13
C ARG B 42 -0.60 -18.56 -19.13
N ASP B 43 -0.12 -18.36 -17.89
CA ASP B 43 -0.80 -18.95 -16.74
C ASP B 43 -2.21 -18.39 -16.55
N ARG B 44 -2.43 -17.12 -16.86
CA ARG B 44 -3.77 -16.57 -16.79
C ARG B 44 -4.48 -16.60 -18.13
N ASN B 45 -3.86 -17.19 -19.16
CA ASN B 45 -4.49 -17.36 -20.47
C ASN B 45 -5.02 -16.04 -21.01
N LYS B 46 -4.23 -14.99 -20.90
CA LYS B 46 -4.64 -13.67 -21.34
C LYS B 46 -3.48 -12.97 -22.01
N PRO B 47 -3.50 -12.83 -23.34
CA PRO B 47 -2.41 -12.15 -24.02
C PRO B 47 -2.19 -10.76 -23.47
N PHE B 48 -0.94 -10.30 -23.60
CA PHE B 48 -0.47 -9.02 -23.12
C PHE B 48 -0.18 -8.11 -24.29
N LYS B 49 -0.57 -6.84 -24.17
CA LYS B 49 -0.40 -5.87 -25.26
C LYS B 49 0.45 -4.69 -24.80
N PHE B 50 1.30 -4.21 -25.71
CA PHE B 50 2.05 -2.97 -25.48
C PHE B 50 2.32 -2.31 -26.83
N MET B 51 2.46 -0.98 -26.81
CA MET B 51 2.71 -0.23 -28.04
C MET B 51 4.21 0.00 -28.21
N LEU B 52 4.74 -0.44 -29.35
CA LEU B 52 6.15 -0.25 -29.62
C LEU B 52 6.49 1.23 -29.69
N GLY B 53 7.53 1.62 -28.96
CA GLY B 53 7.99 2.99 -28.94
C GLY B 53 7.43 3.84 -27.82
N LYS B 54 6.47 3.34 -27.05
CA LYS B 54 5.86 4.09 -25.97
C LYS B 54 6.54 3.88 -24.62
N GLN B 55 7.58 3.04 -24.58
CA GLN B 55 8.32 2.78 -23.35
C GLN B 55 7.40 2.25 -22.25
N GLU B 56 6.42 1.44 -22.66
CA GLU B 56 5.47 0.82 -21.75
C GLU B 56 6.02 -0.46 -21.13
N VAL B 57 7.09 -1.01 -21.68
CA VAL B 57 7.75 -2.19 -21.18
C VAL B 57 9.23 -1.89 -21.10
N ILE B 58 9.96 -2.73 -20.35
CA ILE B 58 11.41 -2.54 -20.24
C ILE B 58 12.06 -2.60 -21.62
N ARG B 59 13.19 -1.89 -21.74
CA ARG B 59 13.82 -1.69 -23.03
C ARG B 59 14.18 -3.00 -23.72
N GLY B 60 14.69 -3.98 -22.98
CA GLY B 60 15.09 -5.23 -23.60
C GLY B 60 13.92 -6.02 -24.13
N TRP B 61 12.78 -5.97 -23.43
CA TRP B 61 11.60 -6.68 -23.91
C TRP B 61 11.14 -6.07 -25.23
N GLU B 62 11.10 -4.73 -25.28
CA GLU B 62 10.68 -4.03 -26.48
C GLU B 62 11.63 -4.30 -27.65
N GLU B 63 12.94 -4.14 -27.43
CA GLU B 63 13.87 -4.27 -28.54
C GLU B 63 14.03 -5.72 -28.96
N GLY B 64 13.78 -6.66 -28.05
CA GLY B 64 13.73 -8.05 -28.45
C GLY B 64 12.54 -8.35 -29.35
N VAL B 65 11.35 -7.91 -28.94
CA VAL B 65 10.14 -8.14 -29.74
C VAL B 65 10.25 -7.43 -31.09
N ALA B 66 10.95 -6.30 -31.14
CA ALA B 66 11.09 -5.58 -32.41
C ALA B 66 11.85 -6.40 -33.45
N GLN B 67 12.72 -7.31 -32.99
CA GLN B 67 13.46 -8.18 -33.88
C GLN B 67 12.69 -9.41 -34.31
N MET B 68 11.51 -9.65 -33.75
CA MET B 68 10.72 -10.83 -34.05
C MET B 68 9.68 -10.53 -35.12
N SER B 69 9.34 -11.55 -35.90
CA SER B 69 8.23 -11.44 -36.84
C SER B 69 7.00 -12.15 -36.28
N VAL B 70 5.84 -11.81 -36.84
CA VAL B 70 4.58 -12.31 -36.31
C VAL B 70 4.56 -13.83 -36.35
N GLY B 71 4.16 -14.44 -35.23
CA GLY B 71 4.18 -15.88 -35.07
C GLY B 71 5.41 -16.42 -34.39
N GLN B 72 6.48 -15.63 -34.32
CA GLN B 72 7.73 -16.14 -33.75
C GLN B 72 7.61 -16.32 -32.25
N ARG B 73 8.26 -17.36 -31.73
CA ARG B 73 8.46 -17.55 -30.30
C ARG B 73 9.95 -17.56 -30.05
N ALA B 74 10.38 -16.88 -29.00
CA ALA B 74 11.81 -16.71 -28.76
C ALA B 74 12.09 -16.56 -27.28
N LYS B 75 13.30 -16.95 -26.91
CA LYS B 75 13.80 -16.74 -25.57
C LYS B 75 14.63 -15.46 -25.58
N LEU B 76 14.25 -14.49 -24.76
CA LEU B 76 14.94 -13.21 -24.64
C LEU B 76 15.71 -13.19 -23.34
N THR B 77 17.04 -13.03 -23.41
CA THR B 77 17.86 -12.89 -22.22
C THR B 77 18.29 -11.43 -22.13
N ILE B 78 17.80 -10.73 -21.11
CA ILE B 78 17.84 -9.28 -21.03
C ILE B 78 18.79 -8.86 -19.92
N SER B 79 19.79 -8.05 -20.29
CA SER B 79 20.75 -7.56 -19.31
C SER B 79 20.10 -6.53 -18.37
N PRO B 80 20.64 -6.36 -17.16
CA PRO B 80 19.92 -5.55 -16.17
C PRO B 80 19.69 -4.11 -16.59
N ASP B 81 20.63 -3.46 -17.29
CA ASP B 81 20.39 -2.07 -17.67
C ASP B 81 19.34 -1.93 -18.75
N TYR B 82 18.92 -3.04 -19.36
CA TYR B 82 17.80 -3.09 -20.28
C TYR B 82 16.57 -3.64 -19.59
N ALA B 83 16.64 -3.86 -18.28
CA ALA B 83 15.51 -4.35 -17.52
C ALA B 83 15.25 -3.41 -16.36
N TYR B 84 15.37 -3.90 -15.13
CA TYR B 84 15.00 -3.09 -13.98
C TYR B 84 16.22 -2.54 -13.24
N GLY B 85 17.42 -2.74 -13.78
CA GLY B 85 18.62 -2.02 -13.40
C GLY B 85 19.04 -2.25 -11.96
N ALA B 86 19.65 -1.22 -11.38
CA ALA B 86 20.22 -1.36 -10.04
C ALA B 86 19.14 -1.49 -8.97
N THR B 87 17.98 -0.87 -9.16
CA THR B 87 16.94 -0.93 -8.14
C THR B 87 16.21 -2.27 -8.15
N GLY B 88 16.07 -2.87 -9.32
CA GLY B 88 15.18 -4.01 -9.44
C GLY B 88 13.73 -3.55 -9.31
N HIS B 89 12.87 -4.50 -8.96
CA HIS B 89 11.51 -4.16 -8.56
C HIS B 89 11.29 -4.77 -7.20
N PRO B 90 11.17 -3.95 -6.16
CA PRO B 90 11.19 -4.47 -4.78
C PRO B 90 10.22 -5.62 -4.56
N GLY B 91 10.72 -6.69 -3.96
CA GLY B 91 9.93 -7.87 -3.68
C GLY B 91 9.77 -8.85 -4.82
N ILE B 92 10.27 -8.53 -6.02
CA ILE B 92 10.06 -9.38 -7.19
C ILE B 92 11.38 -9.62 -7.93
N ILE B 93 12.02 -8.54 -8.35
CA ILE B 93 13.23 -8.59 -9.17
C ILE B 93 14.38 -8.04 -8.34
N PRO B 94 15.42 -8.82 -8.06
CA PRO B 94 16.55 -8.31 -7.27
C PRO B 94 17.32 -7.25 -8.04
N PRO B 95 18.20 -6.52 -7.35
CA PRO B 95 19.09 -5.58 -8.06
C PRO B 95 19.98 -6.30 -9.07
N HIS B 96 20.21 -5.62 -10.21
CA HIS B 96 21.17 -6.07 -11.22
C HIS B 96 20.83 -7.45 -11.77
N ALA B 97 19.54 -7.71 -11.98
CA ALA B 97 19.07 -9.02 -12.42
C ALA B 97 19.03 -9.11 -13.95
N THR B 98 19.66 -10.16 -14.48
CA THR B 98 19.44 -10.59 -15.85
C THR B 98 18.13 -11.38 -15.89
N LEU B 99 17.27 -11.07 -16.85
CA LEU B 99 15.96 -11.70 -16.93
C LEU B 99 15.87 -12.56 -18.19
N VAL B 100 15.10 -13.63 -18.09
CA VAL B 100 14.85 -14.54 -19.21
C VAL B 100 13.34 -14.55 -19.48
N PHE B 101 12.96 -14.12 -20.68
CA PHE B 101 11.56 -14.11 -21.09
C PHE B 101 11.35 -15.05 -22.26
N ASP B 102 10.37 -15.93 -22.14
CA ASP B 102 9.86 -16.73 -23.26
C ASP B 102 8.68 -15.97 -23.85
N VAL B 103 8.84 -15.44 -25.06
CA VAL B 103 7.86 -14.52 -25.64
C VAL B 103 7.41 -15.06 -26.99
N GLU B 104 6.09 -15.01 -27.23
CA GLU B 104 5.51 -15.36 -28.52
C GLU B 104 4.78 -14.13 -29.05
N LEU B 105 5.17 -13.68 -30.25
CA LEU B 105 4.51 -12.54 -30.90
C LEU B 105 3.30 -13.08 -31.65
N LEU B 106 2.11 -12.86 -31.09
CA LEU B 106 0.89 -13.44 -31.63
C LEU B 106 0.35 -12.66 -32.82
N LYS B 107 0.38 -11.34 -32.75
CA LYS B 107 -0.17 -10.50 -33.81
C LYS B 107 0.18 -9.04 -33.52
N LEU B 108 -0.01 -8.21 -34.53
CA LEU B 108 0.19 -6.77 -34.44
C LEU B 108 -1.15 -6.09 -34.68
N GLU B 109 -1.41 -5.03 -33.93
CA GLU B 109 -2.63 -4.25 -34.09
C GLU B 109 -2.31 -2.77 -34.27
C01 E26 C . -10.71 13.27 -2.27
C02 E26 C . -10.00 11.92 -2.28
C04 E26 C . -7.83 10.94 -1.49
C05 E26 C . -6.61 11.12 -0.86
C06 E26 C . -5.68 10.10 -0.81
C07 E26 C . -4.37 10.38 -0.06
C08 E26 C . -4.32 11.33 0.87
C09 E26 C . -3.02 11.60 1.66
C10 E26 C . -3.10 10.85 2.99
C11 E26 C . -1.77 10.23 3.46
C12 E26 C . -1.46 9.05 2.50
C13 E26 C . -2.52 7.93 2.51
C14 E26 C . -2.74 7.06 1.52
C15 E26 C . -1.92 6.96 0.23
C16 E26 C . -0.88 5.85 0.34
C17 E26 C . -2.87 6.72 -0.95
C18 E26 C . -2.15 6.62 -2.27
C20 E26 C . -5.04 7.66 -1.42
C21 E26 C . -5.99 8.86 -1.41
C22 E26 C . -7.24 8.70 -2.04
C23 E26 C . -8.15 9.73 -2.09
N03 E26 C . -8.77 12.04 -1.51
O19 E26 C . -3.75 7.83 -0.90
O24 E26 C . -7.54 7.47 -2.65
O25 E26 C . -5.36 6.61 -1.90
O26 E26 C . -0.53 9.11 1.76
O27 E26 C . -0.74 11.14 3.45
O28 E26 C . -3.59 11.74 3.96
H011 E26 C . -11.26 13.35 -3.01
H013 E26 C . -10.07 13.96 -2.29
H012 E26 C . -11.22 13.35 -1.47
H022 E26 C . -10.56 11.26 -1.90
H021 E26 C . -9.79 11.67 -3.17
H051 E26 C . -6.42 11.93 -0.45
H071 E26 C . -3.60 9.89 -0.27
H081 E26 C . -5.07 11.85 1.05
H091 E26 C . -2.28 11.30 1.16
H092 E26 C . -2.93 12.52 1.82
H101 E26 C . -3.72 10.14 2.90
H111 E26 C . -1.81 9.98 4.36
H131 E26 C . -3.05 7.86 3.27
H141 E26 C . -3.45 6.46 1.63
H151 E26 C . -1.45 7.77 0.09
H163 E26 C . -1.33 5.02 0.40
H161 E26 C . -0.36 5.97 1.11
H162 E26 C . -0.33 5.84 -0.42
H171 E26 C . -3.37 5.93 -0.87
H181 E26 C . -1.33 7.09 -2.21
H183 E26 C . -2.68 6.99 -2.94
H182 E26 C . -1.98 5.72 -2.46
H231 E26 C . -8.98 9.62 -2.52
H031 E26 C . -8.61 12.77 -1.07
H241 E26 C . -7.81 6.93 -2.05
H271 E26 C . -1.04 11.91 3.62
H281 E26 C . -3.14 12.46 3.93
C1 EDO D . -3.59 16.27 27.01
O1 EDO D . -4.07 16.74 25.74
C2 EDO D . -4.52 16.74 28.11
O2 EDO D . -4.46 18.17 28.22
C1 EDO E . -2.69 22.07 17.19
O1 EDO E . -2.91 22.81 18.39
C2 EDO E . -1.32 21.40 17.24
O2 EDO E . -1.18 20.67 18.46
S SO4 F . 1.46 17.55 12.96
O1 SO4 F . 2.87 17.54 12.55
O2 SO4 F . 1.18 16.41 13.85
O3 SO4 F . 1.15 18.80 13.63
O4 SO4 F . 0.63 17.42 11.75
C1 EDO G . -17.58 14.21 2.59
O1 EDO G . -16.15 14.35 2.64
C2 EDO G . -18.14 14.04 4.00
O2 EDO G . -19.56 13.89 3.94
C1 EDO H . -21.66 10.55 8.24
O1 EDO H . -22.80 10.62 7.38
C2 EDO H . -22.06 11.02 9.63
O2 EDO H . -23.04 10.13 10.18
C1 EDO I . 7.87 -11.90 18.80
O1 EDO I . 7.24 -10.76 19.44
C2 EDO I . 9.39 -11.78 18.86
O2 EDO I . 9.85 -10.75 17.98
C1 EDO J . 4.69 15.84 6.43
O1 EDO J . 3.60 16.68 6.04
C2 EDO J . 4.35 14.39 6.09
O2 EDO J . 2.93 14.25 6.08
C1 EDO K . 5.99 -4.88 24.86
O1 EDO K . 6.32 -6.00 24.02
C2 EDO K . 5.48 -5.41 26.19
O2 EDO K . 5.67 -4.39 27.18
S SO4 L . -14.81 3.00 -2.46
O1 SO4 L . -13.96 1.86 -2.14
O2 SO4 L . -14.44 4.16 -1.66
O3 SO4 L . -14.67 3.33 -3.88
O4 SO4 L . -16.20 2.61 -2.17
#